data_1OPQ
#
_entry.id   1OPQ
#
_cell.length_a   1.000
_cell.length_b   1.000
_cell.length_c   1.000
_cell.angle_alpha   90.00
_cell.angle_beta   90.00
_cell.angle_gamma   90.00
#
_symmetry.space_group_name_H-M   'P 1'
#
loop_
_entity.id
_entity.type
_entity.pdbx_description
1 polymer "5'-D(*GP*CP*GP*AP*GP*AP*TP*CP*TP*GP*CP*G)-3'"
2 polymer "5'-D(*CP*GP*CP*AP*GP*AP*TP*CP*TP*CP*GP*C)-3'"
#
loop_
_entity_poly.entity_id
_entity_poly.type
_entity_poly.pdbx_seq_one_letter_code
_entity_poly.pdbx_strand_id
1 'polydeoxyribonucleotide' (DG)(DC)(DG)(DA)(DG)(DA)(DT)(DC)(DT)(DG)(DC)(DG) A
2 'polydeoxyribonucleotide' (DC)(DG)(DC)(DA)(DG)(DA)(DT)(DC)(DT)(DC)(DG)(DC) B
#
loop_
_chem_comp.id
_chem_comp.type
_chem_comp.name
_chem_comp.formula
DA DNA linking 2'-DEOXYADENOSINE-5'-MONOPHOSPHATE 'C10 H14 N5 O6 P'
DC DNA linking 2'-DEOXYCYTIDINE-5'-MONOPHOSPHATE 'C9 H14 N3 O7 P'
DG DNA linking 2'-DEOXYGUANOSINE-5'-MONOPHOSPHATE 'C10 H14 N5 O7 P'
DT DNA linking THYMIDINE-5'-MONOPHOSPHATE 'C10 H15 N2 O8 P'
#